data_4X8C
#
_entry.id   4X8C
#
_cell.length_a   145.500
_cell.length_b   60.420
_cell.length_c   113.310
_cell.angle_alpha   90.00
_cell.angle_beta   123.13
_cell.angle_gamma   90.00
#
_symmetry.space_group_name_H-M   'C 1 2 1'
#
loop_
_entity.id
_entity.type
_entity.pdbx_description
1 polymer 'Protein-arginine deiminase type-4'
2 non-polymer 'CALCIUM ION'
3 non-polymer [(3S,4R)-3-amino-4-hydroxypiperidin-1-yl]{2-[1-(cyclopropylmethyl)-1H-pyrrolo[2,3-b]pyridin-2-yl]-7-methoxy-1-methyl-1H-benzimidazol-5-yl}methanone
4 water water
#
_entity_poly.entity_id   1
_entity_poly.type   'polypeptide(L)'
_entity_poly.pdbx_seq_one_letter_code
;GPLGSPEFMAQGTLIRVTPEQPTHAVCVLGTLTQLDICSSAPEDCTSFSINASPGVVVDIAHGPPAKKKSTGSSTWPLDP
GVEVTLTMKVASGSTGDQKVQISYYGPKTPPVKALLYLTGVEISLCADITRTGKVKPTRAVKDQRTWTWGPCGQGAILLV
NCDRDNLESSAMDCEDDEVLDSEDLQDMSLMTLSTKTPKDFFTNHTLVLHVARSEMDKVRVFQATRGKLSSKCSVVLGPK
WPSHYLMVPGGKHNMDFYVEALAFPDTDFPGLITLTISLLDTSNLELPEAVVFQDSVVFRVAPWIMTPNTQPPQEVYACS
IFENEDFLKSVTTLAMKAKCKLTICPEEENMDDQWMQDEMEIGYIQAPHKTLPVVFDSPRNRGLKEFPIKRVMGPDFGYV
TRGPQTGGISGLDSFGNLEVSPPVTVRGKEYPLGRILFGDSCYPSNDSRQMHQALQDFLSAQQVQAPVKLYSDWLSVGHV
DEFLSFVPAPDRKGFRLLLASPRSCYKLFQEQQNEGHGEALLFEGIKKKKQQKIKNILSNKTLREHNSFVERCIDWNREL
LKRELGLAESDIIDIPQLFKLKEFSKAEAFFPNMVNMLVLGKHLGIPKPFGPVINGRCCLEEKVCSLLEPLGLQCTFIND
FFTYHIRHGEVHAGTNVRRKPFSFKWWNMVP
;
_entity_poly.pdbx_strand_id   A
#
loop_
_chem_comp.id
_chem_comp.type
_chem_comp.name
_chem_comp.formula
3YZ non-polymer [(3S,4R)-3-amino-4-hydroxypiperidin-1-yl]{2-[1-(cyclopropylmethyl)-1H-pyrrolo[2,3-b]pyridin-2-yl]-7-methoxy-1-methyl-1H-benzimidazol-5-yl}methanone 'C26 H30 N6 O3'
CA non-polymer 'CALCIUM ION' 'Ca 2'
#
# COMPACT_ATOMS: atom_id res chain seq x y z
N GLN A 11 17.47 21.36 -15.12
CA GLN A 11 16.87 22.66 -14.81
C GLN A 11 17.50 23.76 -15.65
N GLY A 12 18.50 23.41 -16.44
CA GLY A 12 19.25 24.39 -17.21
C GLY A 12 19.12 24.27 -18.72
N THR A 13 19.22 25.42 -19.38
CA THR A 13 19.27 25.46 -20.84
C THR A 13 20.35 26.44 -21.28
N LEU A 14 21.04 26.11 -22.37
CA LEU A 14 22.16 26.93 -22.83
C LEU A 14 21.81 27.70 -24.10
N ILE A 15 21.85 29.02 -24.01
CA ILE A 15 21.57 29.88 -25.17
C ILE A 15 22.86 30.40 -25.78
N ARG A 16 23.08 30.07 -27.05
CA ARG A 16 24.28 30.51 -27.76
C ARG A 16 23.97 31.66 -28.73
N VAL A 17 24.39 32.87 -28.36
CA VAL A 17 24.14 34.05 -29.19
C VAL A 17 25.28 34.31 -30.16
N THR A 18 24.99 35.05 -31.22
CA THR A 18 26.00 35.39 -32.22
C THR A 18 25.80 36.80 -32.77
N PRO A 19 26.91 37.55 -32.97
CA PRO A 19 26.87 38.93 -33.45
C PRO A 19 26.32 39.07 -34.88
N GLU A 20 26.43 38.01 -35.68
CA GLU A 20 26.03 38.09 -37.08
C GLU A 20 24.51 38.10 -37.25
N GLN A 21 23.80 37.41 -36.37
CA GLN A 21 22.35 37.32 -36.46
C GLN A 21 21.70 37.18 -35.10
N PRO A 22 20.67 38.01 -34.83
CA PRO A 22 19.90 37.91 -33.59
C PRO A 22 19.13 36.60 -33.52
N THR A 23 19.23 35.91 -32.39
CA THR A 23 18.59 34.62 -32.23
C THR A 23 17.38 34.70 -31.31
N HIS A 24 16.40 33.83 -31.55
CA HIS A 24 15.21 33.74 -30.72
C HIS A 24 15.29 32.52 -29.80
N ALA A 25 14.77 32.66 -28.59
CA ALA A 25 14.80 31.55 -27.64
C ALA A 25 13.61 31.58 -26.69
N VAL A 26 13.20 30.40 -26.24
CA VAL A 26 12.11 30.28 -25.29
C VAL A 26 12.65 30.00 -23.89
N CYS A 27 12.11 30.70 -22.89
CA CYS A 27 12.55 30.52 -21.52
C CYS A 27 11.39 30.19 -20.60
N VAL A 28 11.32 28.94 -20.17
CA VAL A 28 10.26 28.49 -19.26
C VAL A 28 10.49 29.01 -17.85
N LEU A 29 9.50 29.67 -17.29
CA LEU A 29 9.58 30.21 -15.94
C LEU A 29 9.80 29.10 -14.92
N GLY A 30 10.87 29.23 -14.14
CA GLY A 30 11.23 28.25 -13.14
C GLY A 30 12.49 27.49 -13.50
N THR A 31 13.08 27.82 -14.65
CA THR A 31 14.29 27.15 -15.10
C THR A 31 15.46 28.13 -15.21
N LEU A 32 16.64 27.65 -14.82
CA LEU A 32 17.86 28.45 -14.94
C LEU A 32 18.31 28.52 -16.39
N THR A 33 18.41 29.73 -16.92
CA THR A 33 18.84 29.92 -18.30
C THR A 33 20.28 30.44 -18.37
N GLN A 34 21.15 29.66 -18.99
CA GLN A 34 22.56 30.01 -19.10
C GLN A 34 22.85 30.74 -20.41
N LEU A 35 23.76 31.70 -20.36
CA LEU A 35 24.11 32.50 -21.53
C LEU A 35 25.51 32.19 -22.05
N ASP A 36 25.58 31.67 -23.26
CA ASP A 36 26.86 31.35 -23.90
C ASP A 36 27.37 32.53 -24.73
N ILE A 37 28.61 32.92 -24.48
CA ILE A 37 29.17 34.12 -25.11
C ILE A 37 30.44 33.85 -25.91
N CYS A 38 31.40 33.17 -25.29
CA CYS A 38 32.74 33.01 -25.86
C CYS A 38 32.80 32.12 -27.10
N SER A 39 31.70 31.43 -27.41
CA SER A 39 31.69 30.49 -28.53
C SER A 39 31.68 31.20 -29.88
N SER A 40 31.21 32.44 -29.90
CA SER A 40 31.13 33.20 -31.15
C SER A 40 31.58 34.65 -30.95
N ALA A 41 32.62 34.85 -30.15
CA ALA A 41 33.16 36.17 -29.90
C ALA A 41 34.35 36.43 -30.83
N CYS A 45 38.57 40.42 -29.49
CA CYS A 45 37.71 40.54 -28.32
C CYS A 45 38.51 40.56 -27.03
N THR A 46 38.19 41.51 -26.15
CA THR A 46 38.88 41.64 -24.87
C THR A 46 37.90 41.66 -23.70
N SER A 47 36.91 42.54 -23.77
CA SER A 47 35.93 42.69 -22.71
C SER A 47 34.50 42.66 -23.25
N PHE A 48 33.54 42.37 -22.37
CA PHE A 48 32.14 42.34 -22.76
C PHE A 48 31.26 43.03 -21.73
N SER A 49 30.18 43.64 -22.21
CA SER A 49 29.21 44.29 -21.33
C SER A 49 27.80 43.98 -21.81
N ILE A 50 26.90 43.73 -20.87
CA ILE A 50 25.55 43.29 -21.20
C ILE A 50 24.47 44.20 -20.61
N ASN A 51 23.55 44.65 -21.47
CA ASN A 51 22.41 45.43 -21.02
C ASN A 51 21.11 44.77 -21.49
N ALA A 52 20.17 44.57 -20.57
CA ALA A 52 18.96 43.83 -20.89
C ALA A 52 17.68 44.60 -20.55
N SER A 53 16.54 43.94 -20.74
CA SER A 53 15.24 44.53 -20.48
C SER A 53 14.87 44.40 -19.00
N PRO A 54 13.98 45.30 -18.51
CA PRO A 54 13.58 45.27 -17.09
C PRO A 54 12.90 43.97 -16.67
N GLY A 55 12.34 43.24 -17.63
CA GLY A 55 11.71 41.96 -17.34
C GLY A 55 12.69 40.81 -17.30
N VAL A 56 13.96 41.11 -17.59
CA VAL A 56 15.00 40.10 -17.57
C VAL A 56 16.08 40.41 -16.54
N VAL A 57 16.33 39.45 -15.66
CA VAL A 57 17.35 39.62 -14.62
C VAL A 57 18.67 38.99 -15.07
N VAL A 58 19.75 39.78 -15.00
CA VAL A 58 21.07 39.31 -15.41
C VAL A 58 22.05 39.35 -14.24
N ASP A 59 22.72 38.23 -14.01
CA ASP A 59 23.73 38.15 -12.96
C ASP A 59 24.95 37.36 -13.44
N ILE A 60 26.13 37.88 -13.16
CA ILE A 60 27.37 37.26 -13.60
C ILE A 60 28.29 36.98 -12.41
N TRP A 76 32.95 43.86 -17.81
CA TRP A 76 33.32 42.46 -17.60
C TRP A 76 34.36 42.01 -18.60
N PRO A 77 35.34 41.22 -18.14
CA PRO A 77 36.46 40.76 -18.99
C PRO A 77 36.18 39.42 -19.67
N LEU A 78 36.72 39.25 -20.88
CA LEU A 78 36.57 38.02 -21.63
C LEU A 78 37.92 37.34 -21.83
N GLU A 83 30.52 33.06 -16.21
CA GLU A 83 29.25 32.49 -16.61
C GLU A 83 28.10 33.48 -16.39
N VAL A 84 27.17 33.55 -17.34
CA VAL A 84 26.05 34.46 -17.27
C VAL A 84 24.72 33.72 -17.26
N THR A 85 23.87 34.04 -16.29
CA THR A 85 22.56 33.40 -16.17
C THR A 85 21.42 34.41 -16.32
N LEU A 86 20.31 33.95 -16.88
CA LEU A 86 19.15 34.81 -17.10
C LEU A 86 17.95 34.38 -16.27
N THR A 87 17.26 35.35 -15.68
CA THR A 87 16.07 35.07 -14.89
C THR A 87 14.90 35.94 -15.36
N MET A 88 13.78 35.29 -15.66
CA MET A 88 12.60 35.98 -16.13
C MET A 88 11.71 36.47 -14.99
N LYS A 89 11.23 37.69 -15.11
CA LYS A 89 10.32 38.27 -14.13
C LYS A 89 8.94 37.64 -14.22
N VAL A 90 8.38 37.62 -15.43
CA VAL A 90 7.04 37.07 -15.64
C VAL A 90 6.88 36.49 -17.04
N ALA A 91 5.67 36.07 -17.37
CA ALA A 91 5.38 35.48 -18.66
C ALA A 91 5.20 36.54 -19.74
N SER A 92 5.39 36.17 -20.99
CA SER A 92 5.30 37.10 -22.10
C SER A 92 3.85 37.28 -22.57
N GLY A 93 3.58 38.46 -23.14
CA GLY A 93 2.28 38.74 -23.72
C GLY A 93 2.34 38.58 -25.24
N SER A 94 3.56 38.61 -25.78
CA SER A 94 3.78 38.46 -27.21
C SER A 94 5.16 37.86 -27.48
N THR A 95 5.33 37.29 -28.66
CA THR A 95 6.60 36.67 -29.04
C THR A 95 7.71 37.72 -29.16
N GLY A 96 8.85 37.45 -28.54
CA GLY A 96 9.96 38.38 -28.54
C GLY A 96 9.68 39.56 -27.62
N ASP A 97 8.96 39.28 -26.54
CA ASP A 97 8.55 40.30 -25.57
C ASP A 97 9.75 40.98 -24.93
N GLN A 98 10.73 40.17 -24.52
CA GLN A 98 11.92 40.69 -23.86
C GLN A 98 13.14 40.56 -24.77
N LYS A 99 14.21 41.29 -24.43
CA LYS A 99 15.42 41.30 -25.26
C LYS A 99 16.69 41.45 -24.45
N VAL A 100 17.80 40.93 -24.97
CA VAL A 100 19.10 41.04 -24.32
C VAL A 100 20.17 41.41 -25.35
N GLN A 101 21.00 42.40 -25.02
CA GLN A 101 22.07 42.83 -25.90
C GLN A 101 23.44 42.48 -25.32
N ILE A 102 24.29 41.87 -26.14
CA ILE A 102 25.64 41.51 -25.74
C ILE A 102 26.68 42.36 -26.47
N SER A 103 27.26 43.31 -25.77
CA SER A 103 28.26 44.19 -26.36
C SER A 103 29.68 43.69 -26.08
N TYR A 104 30.43 43.39 -27.14
CA TYR A 104 31.79 42.90 -27.00
C TYR A 104 32.80 43.82 -27.68
N TYR A 105 33.90 44.10 -26.99
CA TYR A 105 34.94 44.97 -27.53
C TYR A 105 36.31 44.60 -26.96
N PRO A 111 33.29 48.01 -31.15
CA PRO A 111 32.40 47.21 -30.30
C PRO A 111 31.20 46.66 -31.07
N VAL A 112 31.16 45.34 -31.24
CA VAL A 112 30.07 44.69 -31.95
C VAL A 112 29.02 44.14 -30.98
N LYS A 113 27.75 44.40 -31.27
CA LYS A 113 26.67 43.97 -30.40
C LYS A 113 25.97 42.71 -30.90
N ALA A 114 25.57 41.85 -29.97
CA ALA A 114 24.85 40.63 -30.29
C ALA A 114 23.45 40.67 -29.68
N LEU A 115 22.43 40.45 -30.49
CA LEU A 115 21.05 40.60 -30.03
C LEU A 115 20.41 39.25 -29.69
N LEU A 116 19.42 39.28 -28.80
CA LEU A 116 18.74 38.07 -28.36
C LEU A 116 17.28 38.35 -27.99
N TYR A 117 16.37 37.90 -28.84
CA TYR A 117 14.94 38.05 -28.57
C TYR A 117 14.42 36.85 -27.77
N LEU A 118 13.95 37.13 -26.55
CA LEU A 118 13.54 36.07 -25.64
C LEU A 118 12.02 36.01 -25.47
N THR A 119 11.52 34.82 -25.18
CA THR A 119 10.09 34.61 -24.94
C THR A 119 9.88 33.84 -23.62
N GLY A 120 9.41 34.55 -22.61
CA GLY A 120 9.18 33.93 -21.31
C GLY A 120 7.79 33.33 -21.20
N VAL A 121 7.73 32.02 -20.96
CA VAL A 121 6.46 31.32 -20.82
C VAL A 121 6.39 30.55 -19.50
N GLU A 122 5.17 30.29 -19.05
CA GLU A 122 4.95 29.50 -17.84
C GLU A 122 4.41 28.13 -18.16
N ILE A 123 5.16 27.10 -17.79
CA ILE A 123 4.71 25.71 -17.95
C ILE A 123 4.93 24.93 -16.67
N SER A 124 3.85 24.48 -16.06
CA SER A 124 3.93 23.75 -14.80
C SER A 124 2.94 22.61 -14.73
N LEU A 125 3.47 21.40 -14.56
CA LEU A 125 2.64 20.21 -14.38
C LEU A 125 2.49 19.90 -12.91
N CYS A 126 1.37 20.31 -12.33
CA CYS A 126 1.16 20.24 -10.89
C CYS A 126 0.33 19.02 -10.48
N ALA A 127 0.70 18.41 -9.36
CA ALA A 127 -0.05 17.28 -8.81
C ALA A 127 -0.03 17.33 -7.28
N ASP A 128 -0.55 16.29 -6.65
CA ASP A 128 -0.56 16.22 -5.19
C ASP A 128 0.74 15.65 -4.66
N ILE A 129 1.83 16.41 -4.79
CA ILE A 129 3.14 15.97 -4.35
C ILE A 129 3.28 16.09 -2.83
N THR A 130 2.46 16.94 -2.23
CA THR A 130 2.51 17.19 -0.80
C THR A 130 1.73 16.14 0.00
N ARG A 131 0.96 15.32 -0.73
CA ARG A 131 0.15 14.26 -0.14
C ARG A 131 -0.85 14.77 0.88
N THR A 132 -1.19 16.04 0.78
CA THR A 132 -2.15 16.65 1.70
C THR A 132 -3.52 16.79 1.06
N GLY A 133 -3.68 16.18 -0.10
CA GLY A 133 -4.95 16.21 -0.81
C GLY A 133 -5.10 17.46 -1.66
N LYS A 134 -4.12 18.35 -1.58
CA LYS A 134 -4.15 19.61 -2.33
C LYS A 134 -3.07 19.62 -3.40
N VAL A 135 -3.45 20.00 -4.62
CA VAL A 135 -2.51 20.04 -5.73
C VAL A 135 -1.62 21.28 -5.65
N LYS A 136 -0.31 21.06 -5.69
CA LYS A 136 0.66 22.14 -5.62
C LYS A 136 1.79 21.96 -6.64
N PRO A 137 2.18 23.05 -7.31
CA PRO A 137 3.26 23.03 -8.31
C PRO A 137 4.58 22.53 -7.73
N LYS A 142 11.33 20.39 -5.21
CA LYS A 142 12.61 19.72 -5.43
C LYS A 142 12.82 18.59 -4.41
N ASP A 143 13.06 17.38 -4.91
CA ASP A 143 13.14 17.11 -6.34
C ASP A 143 11.79 16.66 -6.89
N GLN A 144 11.53 16.97 -8.15
CA GLN A 144 10.25 16.66 -8.78
C GLN A 144 10.29 15.32 -9.49
N ARG A 145 11.46 14.71 -9.57
CA ARG A 145 11.62 13.45 -10.29
C ARG A 145 11.94 12.29 -9.36
N THR A 146 11.70 12.49 -8.06
CA THR A 146 11.95 11.45 -7.05
C THR A 146 10.79 11.30 -6.08
N TRP A 147 10.30 10.07 -5.94
CA TRP A 147 9.30 9.76 -4.93
C TRP A 147 9.99 9.33 -3.65
N THR A 148 9.67 9.99 -2.54
CA THR A 148 10.35 9.74 -1.28
C THR A 148 9.40 9.36 -0.15
N TRP A 149 9.76 8.34 0.61
CA TRP A 149 8.98 7.94 1.78
C TRP A 149 9.20 8.92 2.92
N GLY A 150 8.26 8.96 3.86
CA GLY A 150 8.42 9.76 5.06
C GLY A 150 7.56 11.01 5.11
N PRO A 151 7.40 11.58 6.31
CA PRO A 151 6.63 12.80 6.53
C PRO A 151 7.28 14.02 5.88
N CYS A 152 8.60 14.10 5.94
CA CYS A 152 9.34 15.19 5.29
C CYS A 152 9.74 14.81 3.87
N GLY A 153 8.84 14.10 3.18
CA GLY A 153 9.08 13.68 1.81
C GLY A 153 7.98 14.11 0.88
N GLN A 154 8.18 13.92 -0.42
CA GLN A 154 7.20 14.34 -1.42
C GLN A 154 6.95 13.25 -2.46
N GLY A 155 5.82 13.33 -3.13
CA GLY A 155 5.46 12.36 -4.15
C GLY A 155 3.99 12.00 -4.14
N ALA A 156 3.38 12.00 -5.32
CA ALA A 156 1.94 11.75 -5.45
C ALA A 156 1.59 10.26 -5.33
N ILE A 157 0.32 9.98 -5.10
CA ILE A 157 -0.15 8.61 -4.92
C ILE A 157 -1.31 8.27 -5.87
N LEU A 158 -1.22 7.11 -6.50
CA LEU A 158 -2.30 6.61 -7.35
C LEU A 158 -3.06 5.47 -6.67
N LEU A 159 -4.30 5.27 -7.10
CA LEU A 159 -5.09 4.15 -6.61
C LEU A 159 -5.39 3.18 -7.75
N VAL A 160 -5.46 1.89 -7.42
CA VAL A 160 -5.74 0.88 -8.42
C VAL A 160 -7.24 0.81 -8.71
N ASN A 161 -7.59 0.78 -9.99
CA ASN A 161 -8.98 0.66 -10.41
C ASN A 161 -9.42 -0.79 -10.46
N CYS A 162 -10.43 -1.14 -9.68
CA CYS A 162 -10.92 -2.51 -9.64
C CYS A 162 -12.34 -2.58 -9.06
N ASP A 181 -18.28 10.19 -15.73
CA ASP A 181 -19.04 10.15 -14.49
C ASP A 181 -18.21 10.66 -13.31
N SER A 182 -18.79 11.58 -12.55
CA SER A 182 -18.10 12.19 -11.42
C SER A 182 -17.96 11.21 -10.25
N GLU A 183 -18.79 10.18 -10.24
CA GLU A 183 -18.74 9.17 -9.18
C GLU A 183 -17.43 8.42 -9.19
N ASP A 184 -16.95 8.10 -10.39
CA ASP A 184 -15.68 7.39 -10.55
C ASP A 184 -14.51 8.36 -10.39
N LEU A 185 -14.75 9.62 -10.72
CA LEU A 185 -13.70 10.64 -10.69
C LEU A 185 -13.24 10.93 -9.26
N GLN A 186 -14.09 10.58 -8.29
CA GLN A 186 -13.77 10.80 -6.88
C GLN A 186 -12.69 9.84 -6.39
N ASP A 187 -12.42 8.80 -7.18
CA ASP A 187 -11.40 7.82 -6.83
C ASP A 187 -10.05 8.17 -7.45
N MET A 188 -10.08 8.61 -8.70
CA MET A 188 -8.86 8.89 -9.47
C MET A 188 -8.09 10.09 -8.92
N SER A 189 -6.79 10.15 -9.22
CA SER A 189 -5.95 11.25 -8.79
C SER A 189 -6.01 12.40 -9.80
N LEU A 190 -5.67 13.60 -9.35
CA LEU A 190 -5.76 14.79 -10.18
C LEU A 190 -4.41 15.50 -10.35
N MET A 191 -3.99 15.68 -11.60
CA MET A 191 -2.86 16.55 -11.89
C MET A 191 -3.30 17.63 -12.87
N THR A 192 -2.81 18.85 -12.67
CA THR A 192 -3.18 19.97 -13.52
C THR A 192 -1.99 20.54 -14.26
N LEU A 193 -2.25 21.11 -15.43
CA LEU A 193 -1.21 21.73 -16.24
C LEU A 193 -1.53 23.21 -16.45
N SER A 194 -0.61 24.08 -16.07
CA SER A 194 -0.80 25.52 -16.22
C SER A 194 0.11 26.10 -17.29
N THR A 195 -0.48 26.79 -18.25
CA THR A 195 0.28 27.40 -19.34
C THR A 195 -0.05 28.88 -19.51
N LYS A 196 0.94 29.73 -19.25
CA LYS A 196 0.79 31.16 -19.49
C LYS A 196 1.75 31.60 -20.60
N THR A 197 1.23 31.65 -21.82
CA THR A 197 2.05 31.92 -22.99
C THR A 197 1.49 33.08 -23.82
N PRO A 198 2.30 33.62 -24.76
CA PRO A 198 1.75 34.56 -25.73
C PRO A 198 0.63 33.93 -26.56
N LYS A 199 -0.22 34.74 -27.17
CA LYS A 199 -1.37 34.26 -27.90
C LYS A 199 -0.97 33.49 -29.17
N ASP A 200 0.23 33.74 -29.67
CA ASP A 200 0.68 33.12 -30.92
C ASP A 200 1.75 32.06 -30.69
N PHE A 201 1.85 31.55 -29.47
CA PHE A 201 2.95 30.68 -29.10
C PHE A 201 2.89 29.29 -29.72
N PHE A 202 1.71 28.68 -29.73
CA PHE A 202 1.57 27.29 -30.16
C PHE A 202 1.39 27.13 -31.66
N THR A 203 1.80 28.14 -32.42
CA THR A 203 1.81 28.02 -33.87
C THR A 203 3.11 27.34 -34.32
N ASN A 204 4.15 27.49 -33.50
CA ASN A 204 5.44 26.85 -33.78
C ASN A 204 5.93 26.03 -32.58
N HIS A 205 5.03 25.77 -31.64
CA HIS A 205 5.34 24.93 -30.49
C HIS A 205 4.18 23.98 -30.20
N THR A 206 4.48 22.86 -29.54
CA THR A 206 3.46 21.90 -29.17
C THR A 206 3.90 21.08 -27.96
N LEU A 207 2.93 20.74 -27.11
CA LEU A 207 3.20 19.97 -25.90
C LEU A 207 2.76 18.53 -26.07
N VAL A 208 3.47 17.62 -25.42
CA VAL A 208 3.12 16.20 -25.46
C VAL A 208 3.25 15.54 -24.11
N LEU A 209 2.16 14.92 -23.65
CA LEU A 209 2.17 14.18 -22.39
C LEU A 209 2.47 12.72 -22.70
N HIS A 210 3.41 12.14 -21.97
CA HIS A 210 3.85 10.78 -22.28
C HIS A 210 4.33 10.00 -21.06
N VAL A 211 4.27 8.67 -21.19
CA VAL A 211 4.75 7.76 -20.16
C VAL A 211 5.62 6.70 -20.83
N ALA A 212 6.58 6.16 -20.09
CA ALA A 212 7.48 5.13 -20.60
C ALA A 212 6.69 3.90 -21.08
N ARG A 213 7.24 3.19 -22.06
CA ARG A 213 6.58 2.02 -22.62
C ARG A 213 6.42 0.91 -21.58
N SER A 214 7.27 0.93 -20.56
CA SER A 214 7.24 -0.10 -19.52
C SER A 214 6.15 0.17 -18.49
N GLU A 215 5.66 1.41 -18.47
CA GLU A 215 4.68 1.81 -17.47
C GLU A 215 3.36 2.25 -18.10
N MET A 216 3.24 2.06 -19.41
CA MET A 216 2.05 2.51 -20.13
C MET A 216 0.83 1.65 -19.83
N ASP A 217 1.06 0.40 -19.48
CA ASP A 217 -0.02 -0.53 -19.19
C ASP A 217 -0.40 -0.52 -17.72
N LYS A 218 0.42 0.15 -16.91
CA LYS A 218 0.18 0.24 -15.48
C LYS A 218 -0.64 1.47 -15.14
N VAL A 219 -0.84 2.34 -16.13
CA VAL A 219 -1.47 3.64 -15.88
C VAL A 219 -2.45 4.02 -16.99
N ARG A 220 -3.39 4.90 -16.66
CA ARG A 220 -4.32 5.45 -17.64
C ARG A 220 -4.69 6.88 -17.28
N VAL A 221 -4.56 7.79 -18.25
CA VAL A 221 -4.81 9.21 -18.01
C VAL A 221 -5.98 9.71 -18.85
N PHE A 222 -6.86 10.49 -18.21
CA PHE A 222 -8.00 11.09 -18.89
C PHE A 222 -7.84 12.61 -19.02
N GLN A 223 -8.58 13.20 -19.94
CA GLN A 223 -8.61 14.64 -20.11
C GLN A 223 -10.03 15.15 -19.96
N ALA A 224 -10.25 16.05 -19.00
CA ALA A 224 -11.58 16.58 -18.73
C ALA A 224 -12.08 17.45 -19.88
N THR A 225 -13.05 16.93 -20.62
CA THR A 225 -13.63 17.64 -21.75
C THR A 225 -14.46 18.84 -21.27
N ARG A 226 -15.47 18.56 -20.45
CA ARG A 226 -16.34 19.61 -19.94
C ARG A 226 -16.31 19.67 -18.42
N GLY A 227 -15.62 20.67 -17.88
CA GLY A 227 -15.53 20.87 -16.45
C GLY A 227 -14.80 19.74 -15.75
N LYS A 228 -15.52 19.02 -14.90
CA LYS A 228 -14.95 17.90 -14.17
C LYS A 228 -15.51 16.58 -14.68
N LEU A 229 -16.19 16.63 -15.82
CA LEU A 229 -16.76 15.43 -16.43
C LEU A 229 -15.88 14.93 -17.57
N SER A 230 -16.08 13.67 -17.96
CA SER A 230 -15.30 13.07 -19.03
C SER A 230 -15.98 11.82 -19.58
N SER A 231 -15.66 11.49 -20.83
CA SER A 231 -16.18 10.29 -21.46
C SER A 231 -15.09 9.23 -21.58
N LYS A 232 -15.45 8.05 -22.08
CA LYS A 232 -14.49 6.96 -22.20
C LYS A 232 -13.61 7.11 -23.44
N CYS A 233 -13.82 8.20 -24.18
CA CYS A 233 -13.05 8.47 -25.38
C CYS A 233 -11.99 9.55 -25.14
N SER A 234 -11.98 10.10 -23.93
CA SER A 234 -11.10 11.20 -23.60
C SER A 234 -9.75 10.72 -23.04
N VAL A 235 -9.42 9.46 -23.33
CA VAL A 235 -8.15 8.89 -22.89
C VAL A 235 -6.99 9.47 -23.68
N VAL A 236 -5.90 9.80 -23.00
CA VAL A 236 -4.72 10.33 -23.66
C VAL A 236 -3.53 9.38 -23.52
N LEU A 237 -3.44 8.73 -22.37
CA LEU A 237 -2.35 7.79 -22.09
C LEU A 237 -2.88 6.45 -21.61
N GLY A 238 -2.39 5.36 -22.22
CA GLY A 238 -2.84 4.03 -21.85
C GLY A 238 -1.93 2.93 -22.37
N PRO A 239 -2.38 1.68 -22.25
CA PRO A 239 -1.65 0.47 -22.67
C PRO A 239 -1.50 0.33 -24.19
N LYS A 240 -1.67 1.43 -24.92
CA LYS A 240 -1.48 1.43 -26.36
C LYS A 240 -0.99 2.80 -26.81
N TRP A 241 -1.27 3.81 -25.98
CA TRP A 241 -0.82 5.17 -26.25
CA TRP A 241 -0.82 5.17 -26.25
C TRP A 241 0.25 5.60 -25.27
N PRO A 242 1.53 5.44 -25.65
CA PRO A 242 2.65 5.86 -24.79
C PRO A 242 2.75 7.38 -24.71
N SER A 243 2.24 8.06 -25.72
CA SER A 243 2.28 9.52 -25.77
C SER A 243 1.03 10.10 -26.42
N HIS A 244 0.83 11.40 -26.25
CA HIS A 244 -0.32 12.08 -26.83
C HIS A 244 -0.04 13.57 -26.99
N TYR A 245 -0.39 14.11 -28.16
CA TYR A 245 -0.18 15.53 -28.44
C TYR A 245 -1.31 16.37 -27.84
N LEU A 246 -0.93 17.31 -26.97
CA LEU A 246 -1.91 18.15 -26.30
C LEU A 246 -2.31 19.37 -27.13
N MET A 247 -3.61 19.62 -27.22
CA MET A 247 -4.12 20.81 -27.89
C MET A 247 -4.30 21.94 -26.88
N VAL A 248 -3.33 22.85 -26.83
CA VAL A 248 -3.34 23.94 -25.86
C VAL A 248 -3.34 25.29 -26.54
N PRO A 249 -4.31 26.15 -26.19
CA PRO A 249 -4.41 27.50 -26.76
C PRO A 249 -3.42 28.48 -26.11
N GLY A 250 -3.21 29.63 -26.76
CA GLY A 250 -2.33 30.65 -26.23
C GLY A 250 -2.98 31.39 -25.06
N GLY A 251 -2.21 32.22 -24.39
CA GLY A 251 -2.70 32.95 -23.23
C GLY A 251 -2.67 32.10 -21.98
N LYS A 252 -3.47 32.48 -20.99
CA LYS A 252 -3.55 31.72 -19.74
C LYS A 252 -4.56 30.58 -19.88
N HIS A 253 -4.11 29.36 -19.59
CA HIS A 253 -4.97 28.19 -19.72
C HIS A 253 -4.54 27.05 -18.79
N ASN A 254 -5.50 26.54 -18.02
CA ASN A 254 -5.26 25.40 -17.15
C ASN A 254 -6.18 24.23 -17.47
N MET A 255 -5.61 23.09 -17.83
CA MET A 255 -6.41 21.91 -18.12
C MET A 255 -6.12 20.80 -17.11
N ASP A 256 -7.16 20.03 -16.78
CA ASP A 256 -7.06 19.00 -15.75
C ASP A 256 -6.90 17.60 -16.33
N PHE A 257 -6.15 16.76 -15.62
CA PHE A 257 -5.99 15.37 -16.01
C PHE A 257 -6.38 14.45 -14.86
N TYR A 258 -7.04 13.35 -15.18
CA TYR A 258 -7.41 12.37 -14.16
C TYR A 258 -6.71 11.05 -14.42
N VAL A 259 -5.96 10.58 -13.42
CA VAL A 259 -5.07 9.45 -13.59
C VAL A 259 -5.44 8.27 -12.70
N GLU A 260 -5.41 7.06 -13.25
CA GLU A 260 -5.69 5.85 -12.50
C GLU A 260 -4.62 4.79 -12.76
N ALA A 261 -4.38 3.95 -11.75
CA ALA A 261 -3.43 2.85 -11.89
C ALA A 261 -4.17 1.57 -12.29
N LEU A 262 -3.51 0.73 -13.08
CA LEU A 262 -4.14 -0.49 -13.57
C LEU A 262 -3.61 -1.74 -12.90
N ALA A 263 -2.53 -1.59 -12.13
CA ALA A 263 -1.91 -2.75 -11.49
C ALA A 263 -1.26 -2.38 -10.17
N PHE A 264 -1.39 -3.28 -9.19
CA PHE A 264 -0.73 -3.15 -7.90
C PHE A 264 0.77 -3.35 -8.02
N PRO A 265 1.54 -2.87 -7.02
CA PRO A 265 2.97 -3.17 -6.97
C PRO A 265 3.23 -4.67 -6.96
N ASP A 266 4.24 -5.11 -7.69
CA ASP A 266 4.54 -6.53 -7.82
C ASP A 266 6.04 -6.74 -8.00
N THR A 267 6.45 -7.98 -8.23
CA THR A 267 7.85 -8.30 -8.44
C THR A 267 8.34 -7.79 -9.80
N ASP A 268 7.39 -7.52 -10.70
CA ASP A 268 7.71 -6.99 -12.02
C ASP A 268 7.41 -5.49 -12.11
N PHE A 269 6.73 -4.96 -11.10
CA PHE A 269 6.37 -3.56 -11.06
C PHE A 269 6.52 -3.00 -9.64
N PRO A 270 7.64 -2.29 -9.39
CA PRO A 270 7.98 -1.71 -8.09
C PRO A 270 6.92 -0.76 -7.55
N GLY A 271 6.11 -0.18 -8.43
CA GLY A 271 5.01 0.66 -8.01
C GLY A 271 5.19 2.14 -8.28
N LEU A 272 6.07 2.48 -9.21
CA LEU A 272 6.29 3.87 -9.58
C LEU A 272 5.90 4.14 -11.03
N ILE A 273 5.17 5.23 -11.25
CA ILE A 273 4.74 5.63 -12.58
C ILE A 273 5.03 7.11 -12.83
N THR A 274 5.89 7.38 -13.82
CA THR A 274 6.27 8.76 -14.13
C THR A 274 5.54 9.30 -15.35
N LEU A 275 4.88 10.44 -15.17
CA LEU A 275 4.20 11.11 -16.27
C LEU A 275 4.92 12.40 -16.64
N THR A 276 5.30 12.54 -17.90
CA THR A 276 6.14 13.65 -18.34
C THR A 276 5.49 14.51 -19.42
N ILE A 277 5.62 15.82 -19.27
CA ILE A 277 5.18 16.77 -20.29
C ILE A 277 6.42 17.31 -21.02
N SER A 278 6.31 17.46 -22.33
CA SER A 278 7.46 17.90 -23.13
C SER A 278 7.08 19.04 -24.08
N LEU A 279 7.93 20.06 -24.13
CA LEU A 279 7.71 21.18 -25.04
C LEU A 279 8.54 21.01 -26.31
N LEU A 280 7.85 20.94 -27.45
CA LEU A 280 8.52 20.72 -28.73
C LEU A 280 8.53 21.99 -29.57
N ASP A 281 9.65 22.25 -30.23
CA ASP A 281 9.76 23.38 -31.15
C ASP A 281 9.51 22.91 -32.57
N THR A 282 8.45 23.42 -33.18
CA THR A 282 8.07 23.03 -34.53
C THR A 282 8.06 24.23 -35.47
N SER A 283 9.11 25.03 -35.40
CA SER A 283 9.24 26.21 -36.26
C SER A 283 9.74 25.81 -37.65
N ASN A 284 10.40 24.67 -37.73
CA ASN A 284 10.90 24.16 -39.00
C ASN A 284 10.19 22.87 -39.42
N LEU A 285 9.71 22.84 -40.65
CA LEU A 285 8.99 21.67 -41.16
C LEU A 285 9.95 20.55 -41.53
N GLU A 286 11.11 20.93 -42.07
CA GLU A 286 12.08 19.96 -42.57
C GLU A 286 12.82 19.24 -41.44
N LEU A 287 13.01 19.94 -40.33
CA LEU A 287 13.74 19.38 -39.20
C LEU A 287 12.81 18.71 -38.19
N PRO A 288 13.25 17.58 -37.61
CA PRO A 288 12.48 16.87 -36.57
C PRO A 288 12.19 17.75 -35.36
N GLU A 289 11.20 17.35 -34.57
CA GLU A 289 10.81 18.12 -33.39
C GLU A 289 11.97 18.26 -32.41
N ALA A 290 12.10 19.44 -31.81
CA ALA A 290 13.17 19.71 -30.87
C ALA A 290 12.63 19.95 -29.46
N VAL A 291 13.09 19.15 -28.50
CA VAL A 291 12.66 19.30 -27.11
C VAL A 291 13.33 20.50 -26.45
N VAL A 292 12.51 21.51 -26.14
CA VAL A 292 13.02 22.73 -25.53
C VAL A 292 12.93 22.65 -24.01
N PHE A 293 12.01 21.82 -23.52
CA PHE A 293 11.72 21.76 -22.10
C PHE A 293 11.00 20.46 -21.72
N GLN A 294 11.33 19.91 -20.56
CA GLN A 294 10.66 18.74 -20.03
C GLN A 294 10.37 18.87 -18.55
N ASP A 295 9.17 18.45 -18.16
CA ASP A 295 8.78 18.46 -16.76
C ASP A 295 7.94 17.21 -16.48
N SER A 296 8.08 16.66 -15.28
CA SER A 296 7.40 15.41 -14.97
C SER A 296 7.01 15.30 -13.50
N VAL A 297 6.03 14.44 -13.23
CA VAL A 297 5.65 14.11 -11.86
C VAL A 297 5.67 12.60 -11.67
N VAL A 298 6.17 12.16 -10.52
CA VAL A 298 6.26 10.74 -10.23
C VAL A 298 5.11 10.28 -9.36
N PHE A 299 4.42 9.24 -9.80
CA PHE A 299 3.31 8.68 -9.04
C PHE A 299 3.69 7.34 -8.40
N ARG A 300 3.25 7.14 -7.16
CA ARG A 300 3.41 5.86 -6.49
C ARG A 300 2.06 5.17 -6.35
N VAL A 301 1.98 3.94 -6.83
CA VAL A 301 0.75 3.15 -6.69
C VAL A 301 0.59 2.68 -5.25
N ALA A 302 -0.54 3.04 -4.64
CA ALA A 302 -0.81 2.69 -3.26
C ALA A 302 -0.92 1.16 -3.09
N PRO A 303 -0.25 0.63 -2.05
CA PRO A 303 -0.19 -0.80 -1.79
C PRO A 303 -1.45 -1.34 -1.10
N TRP A 304 -1.69 -2.64 -1.26
CA TRP A 304 -2.78 -3.30 -0.57
C TRP A 304 -2.37 -3.61 0.86
N ILE A 305 -3.11 -3.04 1.83
CA ILE A 305 -2.73 -3.13 3.23
C ILE A 305 -3.72 -3.98 4.03
N MET A 306 -3.19 -4.92 4.81
CA MET A 306 -4.02 -5.78 5.65
C MET A 306 -4.28 -5.13 7.01
N THR A 307 -5.43 -5.44 7.59
CA THR A 307 -5.82 -4.91 8.88
C THR A 307 -6.00 -6.02 9.93
N PRO A 308 -5.33 -5.88 11.09
CA PRO A 308 -5.34 -6.87 12.16
C PRO A 308 -6.56 -6.77 13.07
N ASN A 309 -6.75 -7.74 13.95
CA ASN A 309 -7.93 -7.79 14.81
C ASN A 309 -8.00 -6.63 15.80
N THR A 310 -6.87 -5.97 16.04
CA THR A 310 -6.82 -4.86 16.98
C THR A 310 -7.50 -3.61 16.42
N GLN A 311 -7.61 -3.52 15.11
CA GLN A 311 -8.30 -2.41 14.47
C GLN A 311 -9.82 -2.58 14.61
N PRO A 312 -10.50 -1.49 14.97
CA PRO A 312 -11.96 -1.46 15.20
C PRO A 312 -12.76 -1.96 14.00
N PRO A 313 -13.61 -2.98 14.21
CA PRO A 313 -14.45 -3.54 13.16
C PRO A 313 -15.48 -2.56 12.63
N GLN A 314 -16.00 -2.80 11.44
CA GLN A 314 -16.99 -1.91 10.85
C GLN A 314 -18.19 -2.68 10.29
N GLU A 315 -17.91 -3.79 9.62
CA GLU A 315 -18.98 -4.61 9.05
C GLU A 315 -18.64 -6.09 9.13
N VAL A 316 -19.59 -6.90 9.60
CA VAL A 316 -19.37 -8.32 9.77
C VAL A 316 -20.21 -9.14 8.79
N TYR A 317 -19.59 -10.14 8.18
CA TYR A 317 -20.27 -11.00 7.21
C TYR A 317 -20.32 -12.44 7.71
N ALA A 318 -21.45 -13.11 7.48
CA ALA A 318 -21.64 -14.46 7.98
C ALA A 318 -22.35 -15.37 6.98
N CYS A 319 -22.10 -16.67 7.10
CA CYS A 319 -22.72 -17.65 6.21
C CYS A 319 -22.79 -19.02 6.88
N ASN A 324 -26.96 -24.25 10.11
CA ASN A 324 -26.63 -23.10 10.94
C ASN A 324 -27.87 -22.31 11.34
N GLU A 325 -28.22 -22.37 12.62
CA GLU A 325 -29.39 -21.68 13.13
C GLU A 325 -29.09 -20.96 14.44
N ASP A 326 -28.65 -21.72 15.45
CA ASP A 326 -28.32 -21.16 16.75
C ASP A 326 -27.03 -20.35 16.68
N PHE A 327 -26.29 -20.52 15.59
CA PHE A 327 -25.02 -19.82 15.38
C PHE A 327 -25.22 -18.32 15.20
N LEU A 328 -26.16 -17.96 14.33
CA LEU A 328 -26.37 -16.56 13.96
C LEU A 328 -26.90 -15.72 15.12
N LYS A 329 -27.61 -16.36 16.04
CA LYS A 329 -28.18 -15.66 17.19
C LYS A 329 -27.08 -15.13 18.10
N SER A 330 -26.08 -15.96 18.35
CA SER A 330 -24.96 -15.57 19.21
C SER A 330 -24.06 -14.55 18.51
N VAL A 331 -24.08 -14.58 17.18
CA VAL A 331 -23.29 -13.63 16.39
C VAL A 331 -23.94 -12.25 16.39
N THR A 332 -25.24 -12.22 16.19
CA THR A 332 -26.01 -10.97 16.19
C THR A 332 -25.94 -10.31 17.56
N THR A 333 -25.88 -11.14 18.59
CA THR A 333 -25.75 -10.66 19.96
C THR A 333 -24.42 -9.95 20.18
N LEU A 334 -23.35 -10.55 19.66
CA LEU A 334 -22.01 -10.01 19.83
C LEU A 334 -21.80 -8.76 18.97
N ALA A 335 -22.40 -8.73 17.79
CA ALA A 335 -22.27 -7.60 16.88
C ALA A 335 -22.99 -6.37 17.42
N MET A 336 -24.10 -6.59 18.11
CA MET A 336 -24.86 -5.50 18.70
C MET A 336 -24.18 -4.97 19.96
N LYS A 337 -23.48 -5.86 20.66
CA LYS A 337 -22.76 -5.48 21.87
C LYS A 337 -21.52 -4.66 21.53
N ALA A 338 -20.92 -4.96 20.39
CA ALA A 338 -19.75 -4.22 19.91
C ALA A 338 -20.18 -3.05 19.04
N LYS A 339 -21.48 -3.01 18.73
CA LYS A 339 -22.07 -1.94 17.92
C LYS A 339 -21.41 -1.79 16.55
N CYS A 340 -21.64 -2.78 15.68
CA CYS A 340 -21.15 -2.71 14.31
C CYS A 340 -22.10 -3.46 13.37
N LYS A 341 -22.04 -3.12 12.08
CA LYS A 341 -22.98 -3.67 11.10
C LYS A 341 -22.76 -5.15 10.84
N LEU A 342 -23.85 -5.88 10.61
CA LEU A 342 -23.80 -7.30 10.30
C LEU A 342 -24.71 -7.64 9.13
N THR A 343 -24.14 -8.17 8.06
CA THR A 343 -24.92 -8.54 6.88
C THR A 343 -24.84 -10.04 6.61
N ILE A 344 -25.97 -10.64 6.29
CA ILE A 344 -26.04 -12.08 6.04
C ILE A 344 -26.42 -12.38 4.60
N CYS A 345 -25.50 -12.98 3.86
CA CYS A 345 -25.75 -13.35 2.47
C CYS A 345 -24.75 -14.40 1.99
N ASP A 358 -14.48 -16.92 3.75
CA ASP A 358 -13.47 -17.67 4.48
C ASP A 358 -12.22 -17.88 3.63
N GLU A 359 -12.38 -17.77 2.31
CA GLU A 359 -11.26 -17.93 1.39
C GLU A 359 -10.85 -16.59 0.80
N MET A 360 -11.01 -15.53 1.59
CA MET A 360 -10.68 -14.18 1.13
C MET A 360 -10.08 -13.33 2.25
N GLU A 361 -9.48 -12.21 1.87
CA GLU A 361 -8.92 -11.29 2.84
C GLU A 361 -9.35 -9.87 2.50
N ILE A 362 -9.93 -9.17 3.47
CA ILE A 362 -10.46 -7.83 3.25
C ILE A 362 -9.49 -6.76 3.74
N GLY A 363 -8.70 -6.22 2.80
CA GLY A 363 -7.76 -5.15 3.11
C GLY A 363 -8.25 -3.81 2.63
N TYR A 364 -7.32 -2.88 2.39
CA TYR A 364 -7.68 -1.55 1.90
C TYR A 364 -6.52 -0.88 1.17
N ILE A 365 -6.86 0.09 0.33
CA ILE A 365 -5.87 0.98 -0.28
C ILE A 365 -6.16 2.41 0.16
N GLN A 366 -5.11 3.17 0.45
CA GLN A 366 -5.28 4.47 1.05
C GLN A 366 -4.60 5.60 0.27
N ALA A 367 -5.40 6.61 -0.08
CA ALA A 367 -4.90 7.81 -0.73
C ALA A 367 -5.34 9.03 0.08
N PRO A 368 -4.65 10.18 -0.08
CA PRO A 368 -5.02 11.41 0.63
C PRO A 368 -6.48 11.81 0.43
N HIS A 369 -7.00 11.58 -0.76
CA HIS A 369 -8.37 12.01 -1.09
C HIS A 369 -9.40 10.95 -0.73
N LYS A 370 -9.12 9.69 -1.02
CA LYS A 370 -10.08 8.63 -0.75
C LYS A 370 -9.42 7.32 -0.29
N THR A 371 -10.15 6.57 0.53
CA THR A 371 -9.70 5.28 1.03
C THR A 371 -10.75 4.21 0.76
N LEU A 372 -10.38 3.17 0.03
CA LEU A 372 -11.33 2.14 -0.37
C LEU A 372 -10.96 0.76 0.15
N PRO A 373 -11.97 -0.04 0.53
CA PRO A 373 -11.80 -1.44 0.91
C PRO A 373 -11.57 -2.34 -0.31
N VAL A 374 -10.58 -3.22 -0.24
CA VAL A 374 -10.29 -4.12 -1.34
C VAL A 374 -10.24 -5.58 -0.87
N VAL A 375 -10.97 -6.44 -1.56
CA VAL A 375 -11.00 -7.86 -1.21
C VAL A 375 -10.24 -8.71 -2.23
N PHE A 376 -9.30 -9.52 -1.76
CA PHE A 376 -8.55 -10.42 -2.61
C PHE A 376 -8.99 -11.87 -2.43
N ASP A 377 -9.32 -12.53 -3.53
CA ASP A 377 -9.69 -13.95 -3.54
C ASP A 377 -9.93 -14.45 -4.96
N SER A 378 -9.75 -15.75 -5.16
CA SER A 378 -10.07 -16.39 -6.42
C SER A 378 -10.03 -17.91 -6.29
N PHE A 397 -15.43 -0.70 -2.92
CA PHE A 397 -15.41 -2.11 -2.56
C PHE A 397 -14.94 -2.97 -3.74
N GLY A 398 -13.75 -2.66 -4.25
CA GLY A 398 -13.22 -3.35 -5.41
C GLY A 398 -12.59 -4.69 -5.07
N TYR A 399 -12.08 -5.36 -6.11
CA TYR A 399 -11.45 -6.67 -5.94
C TYR A 399 -10.49 -6.94 -7.10
N SER A 410 -1.48 -25.10 -3.89
CA SER A 410 -1.54 -26.00 -2.76
C SER A 410 -2.51 -25.50 -1.70
N GLY A 411 -2.47 -26.12 -0.52
CA GLY A 411 -3.33 -25.73 0.58
C GLY A 411 -2.78 -24.55 1.36
N LEU A 412 -1.61 -24.07 0.95
CA LEU A 412 -0.98 -22.93 1.61
C LEU A 412 -1.19 -21.65 0.81
N ASP A 413 -1.74 -21.79 -0.40
CA ASP A 413 -1.95 -20.64 -1.28
C ASP A 413 -3.21 -19.86 -0.92
N SER A 414 -3.92 -20.31 0.11
CA SER A 414 -5.14 -19.64 0.55
C SER A 414 -4.80 -18.40 1.38
N PHE A 415 -5.82 -17.61 1.70
CA PHE A 415 -5.64 -16.40 2.48
C PHE A 415 -5.96 -16.64 3.95
N GLY A 416 -6.29 -17.88 4.28
CA GLY A 416 -6.45 -18.28 5.67
C GLY A 416 -5.08 -18.40 6.29
N ASN A 417 -4.08 -18.58 5.44
CA ASN A 417 -2.68 -18.62 5.86
C ASN A 417 -2.12 -17.20 5.94
N LEU A 418 -2.95 -16.21 5.61
CA LEU A 418 -2.54 -14.82 5.63
C LEU A 418 -3.06 -14.10 6.87
N GLU A 419 -2.14 -13.65 7.70
CA GLU A 419 -2.49 -12.86 8.89
C GLU A 419 -1.55 -11.67 9.04
N VAL A 420 -1.92 -10.74 9.92
CA VAL A 420 -1.10 -9.56 10.13
C VAL A 420 -1.09 -9.14 11.60
N SER A 421 0.07 -8.68 12.08
CA SER A 421 0.25 -8.27 13.46
C SER A 421 -0.14 -6.82 13.68
N PRO A 422 -0.42 -6.44 14.94
CA PRO A 422 -0.65 -5.03 15.30
C PRO A 422 0.61 -4.18 15.08
N PRO A 423 0.47 -2.85 15.13
CA PRO A 423 1.65 -1.96 15.08
C PRO A 423 2.67 -2.31 16.15
N VAL A 424 3.94 -2.40 15.77
CA VAL A 424 4.99 -2.78 16.70
C VAL A 424 6.35 -2.26 16.24
N THR A 425 7.24 -2.04 17.21
CA THR A 425 8.59 -1.57 16.94
C THR A 425 9.61 -2.67 17.25
N VAL A 426 10.42 -3.02 16.26
CA VAL A 426 11.37 -4.13 16.40
C VAL A 426 12.83 -3.67 16.25
N ARG A 427 13.54 -3.63 17.37
CA ARG A 427 14.95 -3.27 17.40
C ARG A 427 15.20 -1.93 16.73
N GLY A 428 14.45 -0.91 17.13
CA GLY A 428 14.58 0.42 16.55
C GLY A 428 13.65 0.62 15.36
N LYS A 429 13.62 -0.37 14.46
CA LYS A 429 12.77 -0.32 13.29
C LYS A 429 11.29 -0.32 13.69
N GLU A 430 10.53 0.61 13.12
CA GLU A 430 9.12 0.75 13.49
C GLU A 430 8.21 0.25 12.36
N TYR A 431 7.23 -0.58 12.72
CA TYR A 431 6.25 -1.08 11.77
C TYR A 431 4.85 -0.61 12.14
N PRO A 432 4.51 0.62 11.73
CA PRO A 432 3.24 1.27 12.10
C PRO A 432 2.00 0.53 11.60
N LEU A 433 2.14 -0.26 10.54
CA LEU A 433 1.00 -1.00 9.99
C LEU A 433 1.10 -2.49 10.32
N GLY A 434 2.03 -2.83 11.20
CA GLY A 434 2.24 -4.21 11.60
C GLY A 434 2.97 -5.00 10.53
N ARG A 435 3.07 -6.31 10.73
CA ARG A 435 3.76 -7.17 9.78
C ARG A 435 2.85 -8.33 9.35
N ILE A 436 2.83 -8.59 8.05
CA ILE A 436 2.05 -9.70 7.51
C ILE A 436 2.67 -11.03 7.89
N LEU A 437 1.87 -11.94 8.42
CA LEU A 437 2.34 -13.26 8.81
C LEU A 437 1.73 -14.33 7.91
N PHE A 438 2.57 -15.25 7.45
CA PHE A 438 2.08 -16.40 6.69
C PHE A 438 2.94 -17.63 6.94
N GLY A 439 2.41 -18.80 6.59
CA GLY A 439 3.05 -20.06 6.91
C GLY A 439 3.87 -20.68 5.79
N ASP A 440 4.91 -21.41 6.18
CA ASP A 440 5.78 -22.10 5.25
C ASP A 440 6.53 -23.20 6.01
N SER A 441 7.26 -24.05 5.29
CA SER A 441 8.04 -25.10 5.93
C SER A 441 9.35 -24.54 6.47
N CYS A 442 10.00 -25.29 7.34
CA CYS A 442 11.30 -24.89 7.88
C CYS A 442 12.38 -25.00 6.80
N TYR A 443 12.46 -26.16 6.17
CA TYR A 443 13.39 -26.36 5.07
C TYR A 443 12.68 -27.06 3.91
N PRO A 444 13.03 -26.68 2.68
CA PRO A 444 12.39 -27.22 1.47
C PRO A 444 12.71 -28.69 1.24
N SER A 445 11.68 -29.49 0.95
CA SER A 445 11.86 -30.88 0.59
C SER A 445 10.81 -31.30 -0.43
N ASN A 446 10.89 -32.55 -0.90
CA ASN A 446 9.98 -33.04 -1.94
C ASN A 446 8.57 -33.28 -1.41
N ASP A 447 8.46 -33.52 -0.11
CA ASP A 447 7.17 -33.80 0.51
C ASP A 447 6.60 -32.57 1.23
N SER A 448 7.41 -31.53 1.35
CA SER A 448 6.98 -30.30 2.00
C SER A 448 6.38 -29.33 0.98
N ARG A 449 5.50 -28.46 1.44
CA ARG A 449 4.85 -27.48 0.58
C ARG A 449 5.13 -26.06 1.05
N GLN A 450 4.96 -25.10 0.15
CA GLN A 450 5.15 -23.69 0.47
C GLN A 450 4.15 -22.83 -0.30
N MET A 451 3.95 -21.59 0.17
CA MET A 451 3.12 -20.65 -0.55
C MET A 451 3.77 -20.30 -1.88
N HIS A 452 2.97 -20.20 -2.93
CA HIS A 452 3.46 -19.89 -4.27
C HIS A 452 4.30 -18.63 -4.23
N GLN A 453 5.46 -18.67 -4.89
CA GLN A 453 6.44 -17.57 -4.83
C GLN A 453 5.84 -16.25 -5.32
N ALA A 454 4.89 -16.34 -6.24
CA ALA A 454 4.20 -15.16 -6.76
C ALA A 454 3.47 -14.43 -5.64
N LEU A 455 2.78 -15.19 -4.78
CA LEU A 455 2.04 -14.61 -3.67
C LEU A 455 2.95 -14.04 -2.60
N GLN A 456 4.09 -14.70 -2.37
CA GLN A 456 5.05 -14.23 -1.39
C GLN A 456 5.67 -12.91 -1.84
N ASP A 457 6.04 -12.85 -3.11
CA ASP A 457 6.66 -11.66 -3.67
C ASP A 457 5.68 -10.49 -3.72
N PHE A 458 4.41 -10.80 -3.94
CA PHE A 458 3.37 -9.77 -3.98
C PHE A 458 3.24 -9.08 -2.62
N LEU A 459 3.26 -9.87 -1.55
CA LEU A 459 3.17 -9.34 -0.20
C LEU A 459 4.35 -8.43 0.12
N SER A 460 5.51 -8.75 -0.43
CA SER A 460 6.72 -7.97 -0.18
C SER A 460 6.72 -6.67 -0.96
N ALA A 461 6.16 -6.71 -2.17
CA ALA A 461 6.05 -5.52 -3.02
C ALA A 461 5.34 -4.39 -2.28
N GLN A 462 4.26 -4.73 -1.58
CA GLN A 462 3.62 -3.80 -0.66
C GLN A 462 4.49 -3.69 0.58
N GLN A 463 5.52 -2.85 0.50
CA GLN A 463 6.59 -2.83 1.50
C GLN A 463 6.15 -2.39 2.90
N VAL A 464 4.95 -1.83 3.00
CA VAL A 464 4.48 -1.25 4.26
C VAL A 464 4.30 -2.28 5.36
N GLN A 465 4.05 -3.53 4.99
CA GLN A 465 3.87 -4.59 5.97
C GLN A 465 4.80 -5.78 5.69
N ALA A 466 6.07 -5.62 6.07
CA ALA A 466 7.11 -6.61 5.75
C ALA A 466 6.77 -8.00 6.24
N PRO A 467 6.48 -8.91 5.31
CA PRO A 467 6.03 -10.27 5.61
C PRO A 467 7.03 -11.06 6.46
N VAL A 468 6.51 -12.04 7.20
CA VAL A 468 7.33 -12.90 8.04
C VAL A 468 6.98 -14.37 7.81
N LYS A 469 7.97 -15.15 7.37
CA LYS A 469 7.73 -16.58 7.14
C LYS A 469 7.70 -17.35 8.46
N LEU A 470 6.57 -18.00 8.71
CA LEU A 470 6.40 -18.82 9.92
C LEU A 470 6.34 -20.30 9.56
N TYR A 471 6.45 -21.15 10.58
CA TYR A 471 6.38 -22.60 10.39
C TYR A 471 4.96 -23.12 10.62
N SER A 472 4.35 -23.64 9.57
CA SER A 472 2.97 -24.12 9.65
C SER A 472 2.74 -25.36 8.80
N ASP A 473 3.83 -25.88 8.22
CA ASP A 473 3.75 -27.03 7.34
C ASP A 473 3.32 -28.29 8.09
N TRP A 474 3.47 -28.26 9.41
CA TRP A 474 3.10 -29.39 10.26
C TRP A 474 1.59 -29.62 10.31
N LEU A 475 0.83 -28.54 10.24
CA LEU A 475 -0.63 -28.63 10.23
C LEU A 475 -1.15 -29.28 8.96
N SER A 476 -2.20 -30.09 9.11
CA SER A 476 -2.82 -30.76 7.98
C SER A 476 -3.47 -29.75 7.04
N VAL A 477 -3.93 -28.64 7.59
CA VAL A 477 -4.45 -27.55 6.78
C VAL A 477 -3.31 -26.65 6.33
N GLY A 478 -2.55 -26.14 7.30
CA GLY A 478 -1.34 -25.39 7.02
C GLY A 478 -1.43 -23.90 7.25
N HIS A 479 -2.56 -23.43 7.76
CA HIS A 479 -2.78 -22.00 7.95
C HIS A 479 -2.29 -21.55 9.32
N VAL A 480 -1.75 -20.33 9.39
CA VAL A 480 -1.19 -19.81 10.63
C VAL A 480 -2.25 -19.45 11.67
N ASP A 481 -3.47 -19.16 11.20
CA ASP A 481 -4.54 -18.74 12.10
C ASP A 481 -5.04 -19.90 12.96
N GLU A 482 -4.49 -21.09 12.73
CA GLU A 482 -4.87 -22.28 13.46
C GLU A 482 -4.19 -22.35 14.83
N PHE A 483 -3.10 -21.62 14.99
CA PHE A 483 -2.33 -21.67 16.23
C PHE A 483 -1.89 -20.30 16.74
N LEU A 484 -2.29 -19.24 16.05
CA LEU A 484 -1.97 -17.89 16.52
C LEU A 484 -3.11 -16.91 16.29
N SER A 485 -3.18 -15.88 17.13
CA SER A 485 -4.18 -14.83 17.02
C SER A 485 -3.77 -13.61 17.84
N PHE A 486 -4.47 -12.50 17.63
CA PHE A 486 -4.20 -11.28 18.37
C PHE A 486 -5.45 -10.68 18.98
N VAL A 487 -5.32 -10.12 20.19
CA VAL A 487 -6.43 -9.47 20.87
C VAL A 487 -6.00 -8.15 21.48
N PRO A 488 -6.93 -7.17 21.53
CA PRO A 488 -6.67 -5.86 22.14
C PRO A 488 -6.33 -5.94 23.63
N ALA A 489 -5.39 -5.12 24.08
CA ALA A 489 -5.01 -5.08 25.49
C ALA A 489 -4.91 -3.64 25.98
N PRO A 490 -5.32 -3.39 27.23
CA PRO A 490 -5.30 -2.04 27.81
C PRO A 490 -3.88 -1.54 28.11
N ASP A 491 -2.98 -2.46 28.46
CA ASP A 491 -1.62 -2.10 28.84
C ASP A 491 -0.58 -2.62 27.86
N ARG A 492 0.68 -2.53 28.27
CA ARG A 492 1.82 -2.98 27.45
C ARG A 492 1.83 -2.33 26.07
N LYS A 493 1.97 -3.16 25.03
CA LYS A 493 2.03 -2.66 23.66
C LYS A 493 0.63 -2.47 23.08
N GLY A 494 -0.39 -2.75 23.89
CA GLY A 494 -1.77 -2.54 23.48
C GLY A 494 -2.43 -3.77 22.88
N PHE A 495 -1.74 -4.91 22.93
CA PHE A 495 -2.28 -6.15 22.40
C PHE A 495 -1.70 -7.37 23.10
N ARG A 496 -2.28 -8.53 22.82
CA ARG A 496 -1.76 -9.81 23.34
C ARG A 496 -1.74 -10.85 22.23
N LEU A 497 -0.63 -11.58 22.14
CA LEU A 497 -0.51 -12.66 21.16
C LEU A 497 -1.05 -13.96 21.74
N LEU A 498 -2.07 -14.51 21.09
CA LEU A 498 -2.67 -15.76 21.52
C LEU A 498 -2.09 -16.94 20.77
N LEU A 499 -1.49 -17.87 21.51
CA LEU A 499 -0.94 -19.09 20.93
C LEU A 499 -1.63 -20.32 21.50
N ALA A 500 -1.92 -21.29 20.64
CA ALA A 500 -2.46 -22.56 21.09
C ALA A 500 -1.41 -23.29 21.91
N SER A 501 -1.84 -23.93 23.00
CA SER A 501 -0.90 -24.59 23.90
C SER A 501 -1.45 -25.91 24.42
N PRO A 502 -0.87 -27.03 23.93
CA PRO A 502 -1.20 -28.37 24.44
C PRO A 502 -0.83 -28.52 25.92
N ARG A 503 0.23 -27.84 26.33
CA ARG A 503 0.68 -27.89 27.72
C ARG A 503 -0.33 -27.22 28.66
N SER A 504 -0.89 -26.09 28.21
CA SER A 504 -1.88 -25.35 28.99
C SER A 504 -3.16 -26.16 29.15
N CYS A 505 -3.45 -27.02 28.18
CA CYS A 505 -4.66 -27.83 28.19
C CYS A 505 -4.44 -29.11 28.99
N TYR A 506 -3.24 -29.67 28.89
CA TYR A 506 -2.89 -30.88 29.62
C TYR A 506 -2.80 -30.60 31.12
N LYS A 507 -2.38 -29.38 31.47
CA LYS A 507 -2.30 -28.97 32.86
C LYS A 507 -3.71 -28.85 33.44
N LEU A 508 -4.66 -28.44 32.59
CA LEU A 508 -6.05 -28.31 33.00
C LEU A 508 -6.67 -29.67 33.30
N PHE A 509 -6.40 -30.65 32.44
CA PHE A 509 -6.96 -31.98 32.59
C PHE A 509 -6.36 -32.73 33.79
N GLN A 510 -5.05 -32.61 33.95
CA GLN A 510 -4.34 -33.31 35.01
C GLN A 510 -4.79 -32.87 36.40
N GLU A 511 -5.30 -31.63 36.49
CA GLU A 511 -5.79 -31.11 37.76
C GLU A 511 -7.23 -31.54 37.99
N GLN A 512 -7.94 -31.87 36.91
CA GLN A 512 -9.30 -32.39 37.03
C GLN A 512 -9.25 -33.79 37.65
N GLN A 513 -8.19 -34.54 37.35
CA GLN A 513 -7.94 -35.81 38.01
C GLN A 513 -7.60 -35.58 39.47
N ASN A 514 -6.86 -34.49 39.73
CA ASN A 514 -6.47 -34.14 41.09
C ASN A 514 -7.65 -33.65 41.91
N GLU A 515 -8.63 -33.05 41.25
CA GLU A 515 -9.82 -32.54 41.92
C GLU A 515 -10.85 -33.66 42.13
N GLY A 516 -10.79 -34.67 41.27
CA GLY A 516 -11.71 -35.79 41.35
C GLY A 516 -12.73 -35.80 40.24
N HIS A 517 -12.47 -35.02 39.18
CA HIS A 517 -13.37 -34.94 38.04
C HIS A 517 -12.78 -35.63 36.82
N GLY A 518 -12.14 -36.78 37.05
CA GLY A 518 -11.50 -37.51 35.97
C GLY A 518 -12.44 -38.42 35.22
N GLU A 519 -13.72 -38.41 35.60
CA GLU A 519 -14.71 -39.26 34.95
C GLU A 519 -15.49 -38.50 33.88
N ALA A 520 -15.18 -37.21 33.74
CA ALA A 520 -15.88 -36.34 32.80
C ALA A 520 -15.64 -36.78 31.35
N LEU A 521 -16.69 -36.73 30.54
CA LEU A 521 -16.59 -37.11 29.14
C LEU A 521 -16.89 -35.91 28.23
N LEU A 522 -16.22 -35.88 27.09
CA LEU A 522 -16.41 -34.80 26.12
C LEU A 522 -17.23 -35.27 24.92
N PHE A 523 -17.33 -34.41 23.90
CA PHE A 523 -18.05 -34.71 22.66
C PHE A 523 -19.52 -35.06 22.90
N GLU A 524 -20.07 -34.58 24.00
CA GLU A 524 -21.47 -34.86 24.34
C GLU A 524 -22.39 -33.81 23.74
N LYS A 530 -18.11 -40.35 18.66
CA LYS A 530 -17.86 -41.15 19.85
C LYS A 530 -17.24 -40.31 20.96
N GLN A 531 -17.78 -40.46 22.17
CA GLN A 531 -17.31 -39.69 23.32
C GLN A 531 -16.12 -40.37 23.99
N GLN A 532 -15.30 -39.58 24.67
CA GLN A 532 -14.12 -40.11 25.35
C GLN A 532 -13.93 -39.50 26.74
N LYS A 533 -13.36 -40.28 27.65
CA LYS A 533 -13.15 -39.83 29.03
C LYS A 533 -11.86 -39.02 29.16
N ILE A 534 -11.86 -38.08 30.08
CA ILE A 534 -10.70 -37.22 30.30
C ILE A 534 -9.55 -38.00 30.94
N LYS A 535 -9.87 -39.00 31.74
CA LYS A 535 -8.86 -39.86 32.35
C LYS A 535 -8.16 -40.69 31.28
N ASN A 536 -8.93 -41.15 30.29
CA ASN A 536 -8.38 -41.91 29.19
C ASN A 536 -7.48 -41.06 28.31
N ILE A 537 -7.85 -39.80 28.14
CA ILE A 537 -7.05 -38.85 27.36
C ILE A 537 -5.73 -38.58 28.06
N LEU A 538 -5.78 -38.40 29.37
CA LEU A 538 -4.57 -38.17 30.16
C LEU A 538 -3.67 -39.41 30.19
N SER A 539 -4.30 -40.57 30.31
CA SER A 539 -3.56 -41.84 30.35
C SER A 539 -3.08 -42.23 28.96
N ASN A 540 -3.66 -41.60 27.94
CA ASN A 540 -3.26 -41.85 26.56
C ASN A 540 -1.82 -41.42 26.34
N LYS A 541 -0.90 -42.38 26.42
CA LYS A 541 0.52 -42.11 26.23
C LYS A 541 0.83 -41.73 24.80
N THR A 542 0.00 -42.20 23.87
CA THR A 542 0.20 -41.92 22.45
C THR A 542 -0.16 -40.48 22.12
N LEU A 543 -1.24 -39.99 22.72
CA LEU A 543 -1.68 -38.61 22.50
C LEU A 543 -0.71 -37.61 23.11
N ARG A 544 -0.09 -37.98 24.22
CA ARG A 544 0.82 -37.08 24.92
C ARG A 544 2.10 -36.84 24.12
N GLU A 545 2.53 -37.87 23.39
CA GLU A 545 3.71 -37.75 22.54
C GLU A 545 3.42 -36.89 21.31
N HIS A 546 2.17 -36.94 20.86
CA HIS A 546 1.75 -36.15 19.70
C HIS A 546 1.72 -34.67 20.04
N ASN A 547 1.04 -34.32 21.13
CA ASN A 547 0.96 -32.94 21.56
C ASN A 547 2.31 -32.39 22.00
N SER A 548 3.20 -33.28 22.46
CA SER A 548 4.55 -32.90 22.81
C SER A 548 5.31 -32.42 21.57
N PHE A 549 5.04 -33.08 20.45
CA PHE A 549 5.62 -32.68 19.16
C PHE A 549 4.95 -31.41 18.64
N VAL A 550 3.64 -31.33 18.78
CA VAL A 550 2.88 -30.16 18.35
C VAL A 550 3.30 -28.94 19.17
N GLU A 551 3.50 -29.15 20.47
CA GLU A 551 3.98 -28.08 21.34
C GLU A 551 5.31 -27.55 20.84
N ARG A 552 6.17 -28.46 20.40
CA ARG A 552 7.51 -28.12 19.90
C ARG A 552 7.43 -27.25 18.65
N CYS A 553 6.47 -27.54 17.78
CA CYS A 553 6.29 -26.80 16.53
C CYS A 553 5.86 -25.37 16.81
N ILE A 554 4.96 -25.20 17.78
CA ILE A 554 4.46 -23.89 18.15
C ILE A 554 5.52 -23.10 18.92
N ASP A 555 6.33 -23.81 19.71
CA ASP A 555 7.41 -23.18 20.46
C ASP A 555 8.46 -22.56 19.54
N TRP A 556 8.61 -23.15 18.35
CA TRP A 556 9.52 -22.61 17.34
C TRP A 556 8.99 -21.28 16.81
N ASN A 557 7.72 -21.28 16.42
CA ASN A 557 7.08 -20.07 15.95
C ASN A 557 6.95 -19.03 17.05
N ARG A 558 6.95 -19.50 18.30
CA ARG A 558 6.89 -18.63 19.45
C ARG A 558 8.11 -17.72 19.50
N GLU A 559 9.30 -18.30 19.34
CA GLU A 559 10.54 -17.55 19.36
C GLU A 559 10.70 -16.73 18.08
N LEU A 560 10.10 -17.21 16.99
CA LEU A 560 10.12 -16.50 15.72
C LEU A 560 9.34 -15.20 15.84
N LEU A 561 8.19 -15.26 16.50
CA LEU A 561 7.34 -14.08 16.69
C LEU A 561 7.92 -13.17 17.76
N LYS A 562 8.62 -13.75 18.73
CA LYS A 562 9.30 -12.96 19.75
C LYS A 562 10.47 -12.18 19.16
N ARG A 563 11.01 -12.69 18.05
CA ARG A 563 12.18 -12.10 17.42
C ARG A 563 11.78 -11.07 16.35
N GLU A 564 10.98 -11.51 15.38
CA GLU A 564 10.61 -10.66 14.24
C GLU A 564 9.61 -9.58 14.63
N LEU A 565 8.83 -9.80 15.69
CA LEU A 565 7.88 -8.81 16.16
C LEU A 565 8.36 -8.16 17.45
N GLY A 566 9.54 -8.56 17.90
CA GLY A 566 10.14 -8.00 19.10
C GLY A 566 9.24 -8.11 20.32
N LEU A 567 8.84 -9.33 20.65
CA LEU A 567 7.90 -9.55 21.74
C LEU A 567 8.56 -10.22 22.94
N ALA A 568 8.14 -9.80 24.13
CA ALA A 568 8.56 -10.46 25.36
C ALA A 568 7.50 -11.49 25.75
N GLU A 569 7.79 -12.28 26.78
CA GLU A 569 6.84 -13.28 27.25
C GLU A 569 5.60 -12.62 27.85
N SER A 570 5.74 -11.37 28.28
CA SER A 570 4.62 -10.64 28.88
C SER A 570 3.66 -10.10 27.82
N ASP A 571 3.82 -10.55 26.58
CA ASP A 571 2.95 -10.14 25.48
C ASP A 571 2.25 -11.36 24.88
N ILE A 572 2.53 -12.52 25.44
CA ILE A 572 1.99 -13.78 24.91
C ILE A 572 1.12 -14.48 25.94
N ILE A 573 -0.07 -14.90 25.51
CA ILE A 573 -0.97 -15.65 26.38
C ILE A 573 -1.29 -17.00 25.75
N ASP A 574 -0.97 -18.07 26.47
CA ASP A 574 -1.18 -19.42 25.97
C ASP A 574 -2.63 -19.87 26.14
N ILE A 575 -3.28 -20.16 25.03
CA ILE A 575 -4.64 -20.68 25.04
C ILE A 575 -4.62 -22.20 25.00
N PRO A 576 -5.23 -22.85 26.00
CA PRO A 576 -5.28 -24.32 26.09
C PRO A 576 -5.95 -24.95 24.87
N GLN A 577 -5.19 -25.74 24.13
CA GLN A 577 -5.70 -26.37 22.91
C GLN A 577 -5.00 -27.69 22.63
N LEU A 578 -5.78 -28.72 22.32
CA LEU A 578 -5.22 -30.03 22.01
C LEU A 578 -5.19 -30.30 20.51
N PHE A 579 -4.16 -31.02 20.08
CA PHE A 579 -4.03 -31.40 18.68
C PHE A 579 -3.85 -32.90 18.54
N LYS A 580 -4.37 -33.45 17.45
CA LYS A 580 -4.17 -34.87 17.14
C LYS A 580 -3.33 -35.01 15.89
N LEU A 581 -3.12 -36.25 15.45
CA LEU A 581 -2.37 -36.49 14.23
C LEU A 581 -3.26 -37.05 13.13
N LYS A 582 -3.37 -36.30 12.04
CA LYS A 582 -4.09 -36.79 10.86
C LYS A 582 -3.17 -37.71 10.05
N GLU A 583 -3.57 -38.02 8.83
CA GLU A 583 -2.75 -38.86 7.96
C GLU A 583 -1.46 -38.13 7.58
N PHE A 584 -0.44 -38.90 7.21
CA PHE A 584 0.89 -38.37 6.91
C PHE A 584 1.47 -37.57 8.09
N SER A 585 1.13 -38.01 9.30
CA SER A 585 1.68 -37.44 10.54
C SER A 585 1.38 -35.95 10.69
N LYS A 586 0.40 -35.46 9.96
CA LYS A 586 0.04 -34.04 10.02
C LYS A 586 -0.81 -33.75 11.26
N ALA A 587 -0.74 -32.52 11.74
CA ALA A 587 -1.46 -32.13 12.95
C ALA A 587 -2.85 -31.61 12.62
N GLU A 588 -3.76 -31.73 13.58
CA GLU A 588 -5.13 -31.30 13.41
C GLU A 588 -5.78 -31.07 14.76
N ALA A 589 -6.67 -30.09 14.84
CA ALA A 589 -7.32 -29.75 16.11
C ALA A 589 -8.13 -30.92 16.68
N PHE A 590 -7.78 -31.32 17.89
CA PHE A 590 -8.50 -32.39 18.59
C PHE A 590 -9.94 -31.97 18.81
N PHE A 591 -10.12 -30.76 19.32
CA PHE A 591 -11.43 -30.16 19.48
C PHE A 591 -11.37 -28.76 18.85
N PRO A 592 -12.54 -28.13 18.58
CA PRO A 592 -12.57 -26.81 17.97
C PRO A 592 -11.61 -25.81 18.63
N ASN A 593 -10.65 -25.31 17.85
CA ASN A 593 -9.60 -24.45 18.38
C ASN A 593 -10.10 -23.09 18.85
N MET A 594 -9.76 -22.75 20.09
CA MET A 594 -10.17 -21.49 20.68
C MET A 594 -9.45 -20.32 20.04
N VAL A 595 -8.18 -20.52 19.73
CA VAL A 595 -7.31 -19.45 19.25
C VAL A 595 -7.83 -18.78 17.98
N ASN A 596 -8.44 -19.56 17.09
CA ASN A 596 -9.03 -19.01 15.89
C ASN A 596 -10.40 -18.39 16.18
N MET A 597 -10.40 -17.42 17.10
CA MET A 597 -11.64 -16.81 17.56
C MET A 597 -12.03 -15.58 16.74
N LEU A 598 -13.21 -15.06 17.01
CA LEU A 598 -13.71 -13.87 16.33
C LEU A 598 -13.55 -12.63 17.21
N VAL A 599 -12.64 -11.74 16.82
CA VAL A 599 -12.38 -10.55 17.61
C VAL A 599 -13.15 -9.34 17.10
N LEU A 600 -14.01 -8.78 17.96
CA LEU A 600 -14.76 -7.58 17.61
C LEU A 600 -14.54 -6.50 18.65
N GLY A 601 -13.30 -6.04 18.76
CA GLY A 601 -12.94 -5.04 19.75
C GLY A 601 -12.69 -5.68 21.10
N LYS A 602 -13.48 -5.28 22.09
CA LYS A 602 -13.40 -5.86 23.42
C LYS A 602 -14.48 -6.92 23.61
N HIS A 603 -14.97 -7.47 22.51
CA HIS A 603 -16.00 -8.49 22.53
C HIS A 603 -15.58 -9.69 21.69
N LEU A 604 -15.25 -10.79 22.36
CA LEU A 604 -14.73 -11.97 21.68
C LEU A 604 -15.82 -12.98 21.35
N GLY A 605 -15.54 -13.85 20.38
CA GLY A 605 -16.46 -14.90 20.00
C GLY A 605 -15.75 -16.23 19.92
N ILE A 606 -15.22 -16.68 21.06
CA ILE A 606 -14.44 -17.90 21.13
C ILE A 606 -15.29 -19.13 20.79
N PRO A 607 -14.77 -20.02 19.93
CA PRO A 607 -15.45 -21.28 19.62
C PRO A 607 -15.62 -22.17 20.85
N LYS A 608 -16.76 -22.85 20.94
CA LYS A 608 -17.02 -23.75 22.07
C LYS A 608 -16.27 -25.07 21.91
N PRO A 609 -15.45 -25.41 22.92
CA PRO A 609 -14.61 -26.63 22.90
C PRO A 609 -15.34 -27.90 23.32
N PHE A 610 -16.54 -27.76 23.89
CA PHE A 610 -17.30 -28.87 24.44
C PHE A 610 -16.50 -29.63 25.50
N CYS A 618 -18.38 -25.35 31.34
CA CYS A 618 -17.24 -26.16 30.94
C CYS A 618 -15.98 -25.73 31.68
N CYS A 619 -15.05 -26.67 31.86
CA CYS A 619 -13.79 -26.39 32.55
C CYS A 619 -12.80 -25.69 31.64
N LEU A 620 -12.87 -26.01 30.34
CA LEU A 620 -12.01 -25.39 29.34
C LEU A 620 -12.35 -23.92 29.15
N GLU A 621 -13.66 -23.64 29.08
CA GLU A 621 -14.14 -22.27 28.89
C GLU A 621 -13.82 -21.40 30.11
N GLU A 622 -13.84 -22.01 31.29
CA GLU A 622 -13.60 -21.29 32.53
C GLU A 622 -12.17 -20.74 32.61
N LYS A 623 -11.21 -21.51 32.11
CA LYS A 623 -9.81 -21.11 32.16
C LYS A 623 -9.50 -20.05 31.12
N VAL A 624 -10.00 -20.23 29.91
CA VAL A 624 -9.75 -19.29 28.82
C VAL A 624 -10.22 -17.88 29.16
N CYS A 625 -11.38 -17.78 29.80
CA CYS A 625 -11.91 -16.49 30.22
C CYS A 625 -11.00 -15.84 31.25
N SER A 626 -10.45 -16.63 32.15
CA SER A 626 -9.56 -16.14 33.19
C SER A 626 -8.27 -15.57 32.60
N LEU A 627 -8.01 -15.87 31.33
CA LEU A 627 -6.82 -15.39 30.65
C LEU A 627 -7.12 -14.14 29.84
N LEU A 628 -8.39 -13.96 29.48
CA LEU A 628 -8.79 -12.89 28.57
C LEU A 628 -9.62 -11.80 29.24
N GLU A 629 -10.43 -12.18 30.22
CA GLU A 629 -11.26 -11.20 30.94
C GLU A 629 -10.48 -10.13 31.72
N PRO A 630 -9.32 -10.48 32.31
CA PRO A 630 -8.53 -9.40 32.92
C PRO A 630 -8.04 -8.36 31.91
N LEU A 631 -8.06 -8.70 30.63
CA LEU A 631 -7.70 -7.75 29.57
C LEU A 631 -8.88 -6.86 29.21
N GLY A 632 -9.99 -7.05 29.91
CA GLY A 632 -11.21 -6.29 29.64
C GLY A 632 -11.93 -6.82 28.42
N LEU A 633 -11.94 -8.14 28.27
CA LEU A 633 -12.57 -8.78 27.12
C LEU A 633 -13.81 -9.59 27.53
N GLN A 634 -14.88 -9.46 26.75
CA GLN A 634 -16.10 -10.21 26.98
C GLN A 634 -16.09 -11.50 26.17
N CYS A 635 -16.19 -12.63 26.86
CA CYS A 635 -16.11 -13.93 26.20
C CYS A 635 -17.48 -14.58 26.01
N THR A 636 -17.90 -14.69 24.75
CA THR A 636 -19.13 -15.38 24.42
C THR A 636 -18.83 -16.55 23.48
N PHE A 637 -19.20 -17.76 23.89
CA PHE A 637 -18.86 -18.96 23.14
C PHE A 637 -19.97 -19.36 22.15
N ILE A 638 -19.54 -19.93 21.02
CA ILE A 638 -20.45 -20.29 19.94
C ILE A 638 -20.51 -21.80 19.73
N ASN A 639 -21.73 -22.33 19.68
CA ASN A 639 -21.94 -23.77 19.52
C ASN A 639 -21.28 -24.34 18.28
N ASP A 640 -21.59 -23.78 17.12
CA ASP A 640 -21.04 -24.26 15.85
C ASP A 640 -20.32 -23.17 15.07
N PHE A 641 -19.12 -22.81 15.52
CA PHE A 641 -18.29 -21.84 14.83
C PHE A 641 -17.80 -22.42 13.51
N PHE A 642 -17.26 -23.63 13.59
CA PHE A 642 -16.72 -24.31 12.41
C PHE A 642 -17.64 -25.42 11.93
N THR A 643 -17.78 -25.55 10.61
CA THR A 643 -18.64 -26.57 10.02
C THR A 643 -17.90 -27.40 8.98
N TYR A 644 -18.09 -28.71 9.03
CA TYR A 644 -17.46 -29.62 8.09
C TYR A 644 -18.26 -29.68 6.78
N HIS A 645 -17.60 -29.35 5.67
CA HIS A 645 -18.22 -29.41 4.36
C HIS A 645 -17.64 -30.54 3.51
N ILE A 646 -18.47 -31.53 3.20
CA ILE A 646 -18.03 -32.66 2.39
C ILE A 646 -18.51 -32.50 0.94
N GLY A 649 -14.59 -31.98 1.60
CA GLY A 649 -13.99 -32.47 2.83
C GLY A 649 -13.16 -31.41 3.53
N GLU A 650 -13.67 -30.17 3.54
CA GLU A 650 -12.95 -29.05 4.11
C GLU A 650 -13.70 -28.43 5.28
N VAL A 651 -12.95 -27.86 6.23
CA VAL A 651 -13.53 -27.09 7.31
C VAL A 651 -13.58 -25.62 6.92
N HIS A 652 -14.74 -24.99 7.08
CA HIS A 652 -14.90 -23.59 6.70
C HIS A 652 -15.02 -22.68 7.92
N ALA A 653 -14.41 -21.50 7.82
CA ALA A 653 -14.49 -20.51 8.88
C ALA A 653 -15.92 -19.98 9.01
N GLY A 654 -16.24 -19.46 10.18
CA GLY A 654 -17.57 -18.96 10.44
C GLY A 654 -17.86 -17.64 9.76
N THR A 655 -17.16 -16.58 10.17
CA THR A 655 -17.44 -15.24 9.68
C THR A 655 -16.23 -14.54 9.07
N ASN A 656 -16.39 -13.26 8.80
CA ASN A 656 -15.33 -12.41 8.25
C ASN A 656 -15.59 -10.96 8.61
N VAL A 657 -14.53 -10.19 8.82
CA VAL A 657 -14.68 -8.82 9.32
C VAL A 657 -13.98 -7.79 8.43
N ARG A 658 -14.64 -6.66 8.23
CA ARG A 658 -14.03 -5.49 7.60
C ARG A 658 -13.74 -4.44 8.67
N ARG A 659 -12.46 -4.17 8.90
CA ARG A 659 -12.06 -3.30 10.00
C ARG A 659 -11.54 -1.95 9.52
N LYS A 660 -11.58 -0.96 10.40
CA LYS A 660 -11.15 0.39 10.08
C LYS A 660 -9.66 0.45 9.76
N PRO A 661 -9.32 1.09 8.62
CA PRO A 661 -7.94 1.29 8.18
C PRO A 661 -7.13 2.08 9.20
N PHE A 662 -5.82 1.87 9.22
CA PHE A 662 -4.94 2.55 10.17
C PHE A 662 -5.01 4.06 10.04
N SER A 663 -4.88 4.75 11.17
CA SER A 663 -4.80 6.20 11.18
C SER A 663 -3.49 6.64 10.55
N PHE A 664 -2.47 5.82 10.72
CA PHE A 664 -1.14 6.09 10.16
C PHE A 664 -1.17 5.99 8.64
N LYS A 665 -0.74 7.04 7.97
CA LYS A 665 -0.68 7.07 6.51
C LYS A 665 0.54 6.30 6.03
N TRP A 666 0.29 5.29 5.20
CA TRP A 666 1.34 4.36 4.77
C TRP A 666 2.52 5.04 4.09
N TRP A 667 2.26 6.17 3.43
CA TRP A 667 3.31 6.86 2.68
C TRP A 667 4.30 7.56 3.61
N ASN A 668 3.90 7.76 4.87
CA ASN A 668 4.78 8.39 5.85
C ASN A 668 5.75 7.38 6.47
N MET A 669 5.51 6.11 6.21
CA MET A 669 6.39 5.05 6.68
C MET A 669 7.65 4.99 5.83
N VAL A 670 8.77 4.61 6.43
CA VAL A 670 10.02 4.44 5.70
C VAL A 670 10.49 2.99 5.78
N PRO A 671 10.04 2.15 4.83
CA PRO A 671 10.41 0.74 4.77
C PRO A 671 11.93 0.52 4.69
CA CA B . -7.20 -14.90 7.20
CA CA C . -13.76 3.28 -9.57
C14 3YZ D . -14.62 -32.42 17.20
C13 3YZ D . -13.35 -32.16 16.79
C11 3YZ D . -11.96 -30.45 15.45
C6 3YZ D . -10.56 -25.21 13.03
C4 3YZ D . -9.02 -25.99 11.32
C15 3YZ D . -15.61 -31.53 16.83
C12 3YZ D . -13.10 -31.04 16.04
C5 3YZ D . -9.64 -25.00 12.04
C7 3YZ D . -10.87 -26.53 13.30
C25 3YZ D . -10.26 -27.53 12.58
C3 3YZ D . -9.34 -27.30 11.60
C10 3YZ D . -12.40 -29.30 14.81
C17 3YZ D . -14.18 -30.23 15.75
C9 3YZ D . -11.66 -28.35 14.07
C26 3YZ D . -9.30 -23.61 11.73
C21 3YZ D . -15.46 -28.64 12.14
C22 3YZ D . -15.33 -29.94 12.88
C30 3YZ D . -9.14 -24.12 8.20
C29 3YZ D . -9.99 -24.10 9.44
C35 3YZ D . -9.05 -21.88 10.02
C20 3YZ D . -15.63 -28.68 13.64
C33 3YZ D . -8.21 -21.92 8.78
C31 3YZ D . -8.91 -22.72 7.71
C24 3YZ D . -10.44 -30.02 12.68
C1 3YZ D . -9.14 -28.60 9.60
C19 3YZ D . -14.57 -28.11 14.49
N16 3YZ D . -15.45 -30.43 16.10
N8 3YZ D . -11.74 -27.04 14.22
N23 3YZ D . -10.77 -28.69 13.10
N18 3YZ D . -13.74 -29.19 15.00
N28 3YZ D . -9.41 -23.22 10.43
N34 3YZ D . -8.11 -20.53 8.28
O27 3YZ D . -8.95 -22.90 12.66
O32 3YZ D . -10.18 -22.13 7.46
O2 3YZ D . -8.79 -28.38 10.96
#